data_5MLG
#
_entry.id   5MLG
#
_cell.length_a   142.543
_cell.length_b   142.543
_cell.length_c   77.035
_cell.angle_alpha   90.00
_cell.angle_beta   90.00
_cell.angle_gamma   90.00
#
_symmetry.space_group_name_H-M   'I 41'
#
loop_
_entity.id
_entity.type
_entity.pdbx_description
1 polymer Renin
2 non-polymer 2-acetamido-2-deoxy-beta-D-glucopyranose
3 water water
#
_entity_poly.entity_id   1
_entity_poly.type   'polypeptide(L)'
_entity_poly.pdbx_seq_one_letter_code
;LPTDTASFGRILLKKMPSVREILEERGVDMTRISAEWGEFIKKSSFTNVTSPVVLTNYLDTQYYGEIGIGTPSQTFKVIF
DTGSANLWVPSTKCGPLYTACEIHNLYDSSESSSYMENGTEFTIHYGSGKVKGFLSQDVVTVGGIIVTQTFGEVTELPLI
PFMLAKFDGVLGMGFPAQAVDGVIPVFDHILSQRVLKEEVFSVYYSRESHLLGGEVVLGGSDPQHYQGNFHYVSISKAGS
WQITMKGVSVGPATLLCEEGCMAVVDTGTSYISGPTSSLQLIMQALGVKEKRANNYVVNCSQVPTLPDISFYLGGRTYTL
SNMDYVQKNPFRNDDLCILALQGLDIPPPTGPVWVLGATFIRKFYTEFDRHNNRIGFALARAAHHHHHH
;
_entity_poly.pdbx_strand_id   A
#
loop_
_chem_comp.id
_chem_comp.type
_chem_comp.name
_chem_comp.formula
NAG D-saccharide, beta linking 2-acetamido-2-deoxy-beta-D-glucopyranose 'C8 H15 N O6'
#
# COMPACT_ATOMS: atom_id res chain seq x y z
N SER A 7 20.75 10.80 6.61
CA SER A 7 19.28 10.55 6.78
C SER A 7 18.44 11.73 6.28
N PHE A 8 18.76 12.19 5.06
CA PHE A 8 18.12 13.38 4.50
C PHE A 8 16.68 13.08 4.08
N GLY A 9 16.50 12.37 2.96
CA GLY A 9 15.17 12.11 2.41
C GLY A 9 14.54 10.80 2.84
N ARG A 10 14.88 10.29 4.04
CA ARG A 10 14.37 8.99 4.51
C ARG A 10 13.23 9.17 5.50
N ILE A 11 12.24 8.29 5.39
CA ILE A 11 11.07 8.24 6.27
C ILE A 11 11.08 6.86 6.92
N LEU A 12 11.24 6.79 8.25
CA LEU A 12 11.19 5.50 8.95
C LEU A 12 9.75 5.02 9.00
N LEU A 13 9.52 3.84 8.43
CA LEU A 13 8.24 3.15 8.56
C LEU A 13 8.27 2.35 9.85
N LYS A 14 7.15 2.35 10.57
CA LYS A 14 7.04 1.60 11.82
C LYS A 14 5.94 0.56 11.69
N LYS A 15 6.18 -0.61 12.30
CA LYS A 15 5.23 -1.72 12.29
C LYS A 15 4.06 -1.41 13.23
N MET A 16 2.86 -1.74 12.78
CA MET A 16 1.63 -1.60 13.59
C MET A 16 0.76 -2.84 13.38
N PRO A 17 -0.06 -3.19 14.38
CA PRO A 17 -1.05 -4.23 14.13
C PRO A 17 -2.02 -3.80 13.03
N SER A 18 -2.22 -4.66 12.03
CA SER A 18 -3.22 -4.40 10.99
C SER A 18 -4.62 -4.59 11.57
N VAL A 19 -5.63 -4.09 10.86
CA VAL A 19 -7.02 -4.19 11.33
C VAL A 19 -7.46 -5.65 11.38
N ARG A 20 -6.95 -6.48 10.47
CA ARG A 20 -7.14 -7.94 10.58
C ARG A 20 -6.50 -8.48 11.85
N GLU A 21 -5.24 -8.11 12.11
CA GLU A 21 -4.52 -8.56 13.31
C GLU A 21 -5.15 -8.10 14.63
N ILE A 22 -5.72 -6.89 14.65
CA ILE A 22 -6.47 -6.41 15.80
C ILE A 22 -7.72 -7.25 16.03
N LEU A 23 -8.46 -7.54 14.95
CA LEU A 23 -9.65 -8.38 15.04
C LEU A 23 -9.32 -9.83 15.41
N GLU A 24 -8.24 -10.37 14.84
CA GLU A 24 -7.74 -11.71 15.21
C GLU A 24 -7.41 -11.83 16.70
N GLU A 25 -6.73 -10.83 17.23
CA GLU A 25 -6.33 -10.81 18.65
C GLU A 25 -7.55 -10.68 19.61
N ARG A 26 -8.62 -10.05 19.15
CA ARG A 26 -9.88 -9.95 19.92
C ARG A 26 -10.80 -11.17 19.76
N GLY A 27 -10.33 -12.21 19.07
CA GLY A 27 -11.05 -13.47 18.93
C GLY A 27 -12.08 -13.51 17.82
N VAL A 28 -12.01 -12.58 16.87
CA VAL A 28 -13.01 -12.53 15.81
C VAL A 28 -12.68 -13.58 14.75
N ASP A 29 -13.74 -14.23 14.30
CA ASP A 29 -13.72 -15.33 13.35
C ASP A 29 -13.21 -14.86 11.97
N MET A 30 -12.40 -15.70 11.31
CA MET A 30 -11.81 -15.34 10.01
C MET A 30 -12.83 -15.12 8.89
N THR A 31 -13.98 -15.79 8.99
CA THR A 31 -15.11 -15.58 8.08
C THR A 31 -15.75 -14.21 8.29
N ARG A 32 -15.94 -13.83 9.56
CA ARG A 32 -16.50 -12.53 9.91
C ARG A 32 -15.61 -11.34 9.50
N ILE A 33 -14.28 -11.49 9.68
CA ILE A 33 -13.35 -10.42 9.33
C ILE A 33 -13.40 -10.11 7.83
N SER A 34 -13.31 -11.12 6.98
CA SER A 34 -13.34 -10.92 5.53
C SER A 34 -14.70 -10.43 5.01
N ALA A 35 -15.78 -10.95 5.58
CA ALA A 35 -17.15 -10.59 5.17
C ALA A 35 -17.57 -9.18 5.56
N GLU A 36 -17.05 -8.67 6.67
CA GLU A 36 -17.48 -7.38 7.24
C GLU A 36 -16.44 -6.25 7.15
N TRP A 37 -15.14 -6.59 7.09
CA TRP A 37 -14.05 -5.59 7.08
C TRP A 37 -13.17 -5.59 5.83
N GLY A 38 -13.45 -6.49 4.87
CA GLY A 38 -12.55 -6.72 3.73
C GLY A 38 -13.23 -6.79 2.39
N GLU A 39 -14.26 -5.96 2.20
CA GLU A 39 -15.02 -5.95 0.94
C GLU A 39 -14.28 -5.15 -0.13
N PHE A 40 -14.61 -5.43 -1.39
CA PHE A 40 -14.21 -4.59 -2.53
C PHE A 40 -15.47 -4.22 -3.31
N ILE A 41 -15.90 -2.96 -3.19
CA ILE A 41 -17.15 -2.46 -3.78
C ILE A 41 -17.00 -2.28 -5.30
N LYS A 42 -18.09 -2.55 -6.03
CA LYS A 42 -18.15 -2.34 -7.48
C LYS A 42 -18.56 -0.90 -7.78
N SER A 51 -13.41 7.41 -9.83
CA SER A 51 -12.77 7.50 -11.14
C SER A 51 -11.43 6.76 -11.20
N PRO A 52 -10.45 7.12 -10.32
CA PRO A 52 -9.21 6.34 -10.25
C PRO A 52 -9.43 4.98 -9.58
N VAL A 53 -8.52 4.05 -9.87
CA VAL A 53 -8.72 2.64 -9.54
C VAL A 53 -8.42 2.38 -8.06
N VAL A 54 -9.22 1.50 -7.45
CA VAL A 54 -9.05 1.09 -6.06
C VAL A 54 -8.44 -0.31 -6.01
N LEU A 55 -7.35 -0.46 -5.26
CA LEU A 55 -6.67 -1.75 -5.10
C LEU A 55 -6.45 -2.14 -3.65
N THR A 56 -7.09 -1.44 -2.70
CA THR A 56 -6.85 -1.66 -1.27
C THR A 56 -8.01 -1.20 -0.40
N ASN A 57 -8.15 -1.87 0.75
CA ASN A 57 -9.08 -1.48 1.81
C ASN A 57 -8.36 -1.23 3.14
N TYR A 58 -7.03 -1.23 3.11
CA TYR A 58 -6.17 -1.04 4.28
C TYR A 58 -6.41 -2.02 5.45
N LEU A 59 -7.06 -3.16 5.16
CA LEU A 59 -7.37 -4.14 6.20
C LEU A 59 -6.12 -4.81 6.71
N ASP A 60 -5.18 -5.07 5.80
CA ASP A 60 -3.95 -5.81 6.10
C ASP A 60 -2.69 -4.96 6.21
N THR A 61 -2.81 -3.63 6.06
CA THR A 61 -1.66 -2.73 6.12
C THR A 61 -1.02 -2.71 7.52
N GLN A 62 0.30 -2.93 7.56
CA GLN A 62 1.07 -3.09 8.79
C GLN A 62 2.12 -2.03 9.03
N TYR A 63 2.26 -1.07 8.11
CA TYR A 63 3.35 -0.10 8.17
C TYR A 63 2.83 1.31 7.97
N TYR A 64 3.31 2.23 8.81
CA TYR A 64 3.00 3.65 8.67
C TYR A 64 4.26 4.46 8.86
N GLY A 65 4.32 5.62 8.21
CA GLY A 65 5.32 6.64 8.49
C GLY A 65 4.68 7.84 9.15
N GLU A 66 5.51 8.73 9.68
CA GLU A 66 5.02 9.98 10.28
C GLU A 66 5.35 11.18 9.41
N ILE A 67 4.36 12.07 9.28
CA ILE A 67 4.55 13.36 8.62
C ILE A 67 4.10 14.46 9.56
N GLY A 68 4.52 15.69 9.25
CA GLY A 68 4.08 16.89 9.97
C GLY A 68 3.26 17.74 9.02
N ILE A 69 2.21 18.38 9.53
CA ILE A 69 1.41 19.32 8.75
C ILE A 69 1.18 20.58 9.56
N GLY A 70 1.59 21.73 9.02
CA GLY A 70 1.34 23.02 9.62
C GLY A 70 2.54 23.67 10.28
N THR A 71 2.30 24.87 10.83
CA THR A 71 3.31 25.64 11.53
C THR A 71 2.72 26.11 12.88
N PRO A 72 3.18 25.57 14.02
CA PRO A 72 4.10 24.44 14.11
C PRO A 72 3.45 23.14 13.62
N SER A 73 4.28 22.15 13.28
CA SER A 73 3.78 20.95 12.63
C SER A 73 3.02 20.03 13.57
N GLN A 74 1.83 19.61 13.11
CA GLN A 74 0.99 18.65 13.80
C GLN A 74 1.29 17.28 13.19
N THR A 75 1.64 16.32 14.04
CA THR A 75 2.08 14.99 13.60
C THR A 75 0.91 14.07 13.25
N PHE A 76 1.06 13.33 12.15
CA PHE A 76 0.11 12.30 11.73
C PHE A 76 0.82 11.03 11.33
N LYS A 77 0.16 9.90 11.58
CA LYS A 77 0.62 8.59 11.15
C LYS A 77 -0.09 8.29 9.85
N VAL A 78 0.67 8.06 8.79
CA VAL A 78 0.09 7.85 7.48
C VAL A 78 0.65 6.61 6.81
N ILE A 79 -0.16 6.06 5.90
CA ILE A 79 0.23 4.95 5.06
C ILE A 79 0.81 5.51 3.77
N PHE A 80 1.98 5.02 3.39
CA PHE A 80 2.59 5.36 2.11
C PHE A 80 2.04 4.41 1.05
N ASP A 81 1.09 4.94 0.26
CA ASP A 81 0.26 4.17 -0.66
C ASP A 81 0.54 4.62 -2.10
N THR A 82 1.37 3.85 -2.81
CA THR A 82 1.62 4.11 -4.23
C THR A 82 0.38 3.89 -5.13
N GLY A 83 -0.62 3.19 -4.61
CA GLY A 83 -1.91 3.02 -5.30
C GLY A 83 -2.79 4.26 -5.45
N SER A 84 -2.62 5.24 -4.56
CA SER A 84 -3.38 6.51 -4.63
C SER A 84 -2.47 7.73 -4.78
N ALA A 85 -3.07 8.87 -5.07
CA ALA A 85 -2.35 10.12 -5.35
C ALA A 85 -2.72 11.32 -4.46
N ASN A 86 -3.52 11.08 -3.42
CA ASN A 86 -3.98 12.15 -2.52
C ASN A 86 -3.39 12.00 -1.12
N LEU A 87 -3.21 13.12 -0.44
CA LEU A 87 -2.89 13.15 0.99
C LEU A 87 -4.17 13.50 1.70
N TRP A 88 -4.52 12.72 2.72
CA TRP A 88 -5.64 13.07 3.59
C TRP A 88 -5.41 12.68 5.03
N VAL A 89 -6.03 13.43 5.92
CA VAL A 89 -5.97 13.18 7.36
C VAL A 89 -7.31 13.55 7.98
N PRO A 90 -7.60 13.04 9.19
CA PRO A 90 -8.83 13.44 9.86
C PRO A 90 -8.78 14.90 10.31
N SER A 91 -9.93 15.57 10.22
CA SER A 91 -10.06 16.99 10.58
C SER A 91 -10.73 17.17 11.93
N THR A 92 -10.54 18.34 12.54
CA THR A 92 -11.37 18.75 13.68
C THR A 92 -12.79 19.13 13.25
N LYS A 93 -13.01 19.38 11.96
CA LYS A 93 -14.36 19.60 11.44
C LYS A 93 -15.19 18.31 11.32
N CYS A 94 -14.57 17.15 11.54
CA CYS A 94 -15.26 15.86 11.50
C CYS A 94 -16.31 15.78 12.61
N GLY A 95 -17.56 15.62 12.21
CA GLY A 95 -18.70 15.73 13.13
C GLY A 95 -18.89 14.57 14.11
N PRO A 96 -19.93 14.67 14.96
CA PRO A 96 -20.20 13.62 15.95
C PRO A 96 -20.84 12.33 15.38
N LEU A 97 -21.35 12.39 14.15
CA LEU A 97 -21.86 11.19 13.46
C LEU A 97 -20.76 10.18 13.07
N TYR A 98 -19.51 10.62 13.04
CA TYR A 98 -18.39 9.77 12.66
C TYR A 98 -17.46 9.52 13.85
N THR A 99 -17.83 8.50 14.61
CA THR A 99 -17.10 8.05 15.80
C THR A 99 -15.64 7.64 15.52
N ALA A 100 -15.35 7.18 14.30
CA ALA A 100 -13.99 6.82 13.91
C ALA A 100 -12.96 7.95 14.12
N CYS A 101 -13.40 9.20 13.90
CA CYS A 101 -12.57 10.39 14.13
C CYS A 101 -12.08 10.58 15.58
N GLU A 102 -12.82 10.01 16.53
CA GLU A 102 -12.56 10.25 17.95
C GLU A 102 -11.37 9.46 18.54
N ILE A 103 -10.77 8.56 17.75
CA ILE A 103 -9.60 7.78 18.21
C ILE A 103 -8.30 8.10 17.44
N HIS A 104 -8.29 9.17 16.65
CA HIS A 104 -7.17 9.53 15.77
C HIS A 104 -6.73 10.97 15.97
N ASN A 105 -5.50 11.28 15.54
CA ASN A 105 -5.02 12.67 15.50
C ASN A 105 -5.85 13.47 14.48
N LEU A 106 -6.16 14.71 14.84
CA LEU A 106 -7.02 15.58 14.04
C LEU A 106 -6.29 16.86 13.62
N TYR A 107 -6.38 17.20 12.33
CA TYR A 107 -5.81 18.44 11.82
C TYR A 107 -6.69 19.61 12.26
N ASP A 108 -6.05 20.60 12.87
CA ASP A 108 -6.71 21.78 13.40
C ASP A 108 -6.09 23.00 12.71
N SER A 109 -6.84 23.61 11.79
CA SER A 109 -6.37 24.78 11.05
C SER A 109 -6.08 25.97 11.95
N SER A 110 -6.87 26.11 13.03
CA SER A 110 -6.68 27.13 14.07
C SER A 110 -5.29 27.23 14.72
N GLU A 111 -4.48 26.18 14.62
CA GLU A 111 -3.14 26.18 15.22
C GLU A 111 -2.02 26.30 14.20
N SER A 112 -2.37 26.56 12.93
CA SER A 112 -1.38 26.67 11.86
C SER A 112 -1.36 28.07 11.27
N SER A 113 -0.19 28.71 11.33
CA SER A 113 0.00 30.02 10.71
C SER A 113 0.18 29.94 9.19
N SER A 114 0.53 28.75 8.68
CA SER A 114 0.70 28.52 7.24
C SER A 114 -0.56 27.96 6.55
N TYR A 115 -1.65 27.77 7.29
CA TYR A 115 -2.90 27.29 6.71
C TYR A 115 -3.47 28.30 5.72
N MET A 116 -4.00 27.79 4.60
CA MET A 116 -4.72 28.61 3.64
C MET A 116 -5.91 27.81 3.13
N GLU A 117 -7.12 28.32 3.35
CA GLU A 117 -8.35 27.60 3.06
C GLU A 117 -8.54 27.38 1.57
N ASN A 118 -9.31 26.35 1.24
CA ASN A 118 -9.76 26.10 -0.13
C ASN A 118 -11.26 25.81 -0.09
N GLY A 119 -11.64 24.72 0.58
CA GLY A 119 -13.04 24.40 0.82
C GLY A 119 -13.78 23.54 -0.19
N THR A 120 -13.18 23.29 -1.36
CA THR A 120 -13.82 22.45 -2.39
C THR A 120 -13.90 21.00 -1.88
N GLU A 121 -15.06 20.38 -2.06
CA GLU A 121 -15.32 19.03 -1.53
C GLU A 121 -14.58 17.99 -2.35
N PHE A 122 -14.25 16.88 -1.68
CA PHE A 122 -13.63 15.74 -2.34
C PHE A 122 -14.20 14.43 -1.78
N THR A 123 -14.14 13.38 -2.61
CA THR A 123 -14.49 12.02 -2.20
C THR A 123 -13.41 11.07 -2.72
N ILE A 124 -12.79 10.34 -1.81
CA ILE A 124 -11.82 9.31 -2.16
C ILE A 124 -12.49 7.98 -1.88
N HIS A 125 -12.61 7.15 -2.93
CA HIS A 125 -13.14 5.80 -2.80
C HIS A 125 -12.02 4.81 -2.46
N TYR A 126 -12.37 3.80 -1.67
CA TYR A 126 -11.49 2.65 -1.42
C TYR A 126 -12.37 1.39 -1.30
N GLY A 127 -11.77 0.24 -0.99
CA GLY A 127 -12.48 -1.04 -0.95
C GLY A 127 -13.71 -1.09 -0.05
N SER A 128 -13.48 -0.93 1.26
CA SER A 128 -14.56 -1.02 2.25
C SER A 128 -15.56 0.16 2.27
N GLY A 129 -15.18 1.31 1.69
CA GLY A 129 -16.07 2.47 1.71
C GLY A 129 -15.53 3.72 1.03
N LYS A 130 -15.93 4.89 1.54
CA LYS A 130 -15.51 6.17 0.97
C LYS A 130 -15.19 7.22 2.04
N VAL A 131 -14.17 8.03 1.77
CA VAL A 131 -13.71 9.09 2.66
C VAL A 131 -14.09 10.43 2.00
N LYS A 132 -14.79 11.28 2.74
CA LYS A 132 -15.23 12.60 2.26
C LYS A 132 -14.67 13.73 3.12
N GLY A 133 -14.64 14.92 2.54
CA GLY A 133 -14.10 16.08 3.24
C GLY A 133 -14.02 17.32 2.37
N PHE A 134 -13.10 18.22 2.72
CA PHE A 134 -12.82 19.42 1.92
C PHE A 134 -11.31 19.63 1.82
N LEU A 135 -10.88 20.30 0.76
CA LEU A 135 -9.46 20.57 0.52
C LEU A 135 -8.97 21.76 1.33
N SER A 136 -7.69 21.73 1.68
CA SER A 136 -7.02 22.79 2.43
C SER A 136 -5.54 22.79 2.08
N GLN A 137 -4.92 23.97 2.12
CA GLN A 137 -3.48 24.08 1.83
C GLN A 137 -2.69 24.31 3.12
N ASP A 138 -1.53 23.68 3.22
CA ASP A 138 -0.60 23.93 4.32
C ASP A 138 0.78 23.39 4.00
N VAL A 139 1.75 23.76 4.83
CA VAL A 139 3.08 23.20 4.79
C VAL A 139 3.03 21.74 5.28
N VAL A 140 3.76 20.86 4.61
CA VAL A 140 3.86 19.44 4.96
C VAL A 140 5.32 19.01 4.97
N THR A 141 5.75 18.45 6.10
CA THR A 141 7.12 17.96 6.28
C THR A 141 7.11 16.43 6.19
N VAL A 142 7.78 15.91 5.16
CA VAL A 142 7.89 14.46 4.95
C VAL A 142 9.35 14.14 4.62
N GLY A 143 9.97 13.32 5.47
CA GLY A 143 11.38 12.96 5.33
C GLY A 143 12.28 14.19 5.29
N GLY A 144 12.03 15.13 6.20
CA GLY A 144 12.82 16.35 6.31
C GLY A 144 12.73 17.34 5.16
N ILE A 145 11.77 17.15 4.26
CA ILE A 145 11.58 18.01 3.09
C ILE A 145 10.24 18.71 3.26
N ILE A 146 10.25 20.03 3.09
CA ILE A 146 9.09 20.88 3.35
C ILE A 146 8.47 21.29 2.02
N VAL A 147 7.20 20.92 1.81
CA VAL A 147 6.45 21.30 0.61
C VAL A 147 5.16 22.00 1.01
N THR A 148 4.69 22.91 0.14
CA THR A 148 3.39 23.53 0.31
C THR A 148 2.41 22.64 -0.43
N GLN A 149 1.54 21.97 0.33
CA GLN A 149 0.68 20.92 -0.19
C GLN A 149 -0.79 21.26 0.00
N THR A 150 -1.61 20.92 -1.00
CA THR A 150 -3.06 20.83 -0.82
C THR A 150 -3.41 19.37 -0.48
N PHE A 151 -4.18 19.20 0.58
CA PHE A 151 -4.56 17.88 1.09
C PHE A 151 -6.02 17.87 1.52
N GLY A 152 -6.54 16.68 1.79
CA GLY A 152 -7.93 16.50 2.20
C GLY A 152 -8.10 16.55 3.71
N GLU A 153 -8.88 17.51 4.20
CA GLU A 153 -9.36 17.48 5.59
C GLU A 153 -10.58 16.60 5.59
N VAL A 154 -10.48 15.41 6.19
CA VAL A 154 -11.59 14.44 6.21
C VAL A 154 -12.62 14.79 7.29
N THR A 155 -13.87 14.94 6.87
CA THR A 155 -15.00 15.17 7.79
C THR A 155 -16.00 13.99 7.88
N GLU A 156 -15.82 12.98 7.02
CA GLU A 156 -16.62 11.74 7.07
C GLU A 156 -15.69 10.55 6.93
N LEU A 157 -15.29 10.00 8.07
CA LEU A 157 -14.38 8.87 8.17
C LEU A 157 -15.22 7.65 8.56
N PRO A 158 -15.39 6.67 7.65
CA PRO A 158 -16.27 5.53 8.01
C PRO A 158 -15.68 4.61 9.08
N LEU A 159 -16.55 3.81 9.67
CA LEU A 159 -16.15 2.88 10.73
C LEU A 159 -15.29 1.75 10.18
N ILE A 160 -15.62 1.27 8.98
CA ILE A 160 -14.87 0.20 8.34
C ILE A 160 -13.81 0.83 7.40
N PRO A 161 -12.51 0.71 7.67
CA PRO A 161 -11.92 0.03 8.83
C PRO A 161 -11.32 1.00 9.86
N PHE A 162 -11.64 2.29 9.76
CA PHE A 162 -10.90 3.32 10.52
C PHE A 162 -11.30 3.41 11.99
N MET A 163 -12.38 2.73 12.39
CA MET A 163 -12.75 2.61 13.79
C MET A 163 -11.73 1.79 14.58
N LEU A 164 -11.01 0.89 13.91
CA LEU A 164 -9.93 0.12 14.54
C LEU A 164 -8.54 0.31 13.93
N ALA A 165 -8.42 1.12 12.88
CA ALA A 165 -7.12 1.42 12.27
C ALA A 165 -6.16 2.06 13.29
N LYS A 166 -4.87 1.77 13.16
CA LYS A 166 -3.84 2.41 13.98
C LYS A 166 -3.00 3.42 13.20
N PHE A 167 -3.62 4.00 12.16
CA PHE A 167 -3.02 5.06 11.37
C PHE A 167 -4.08 6.15 11.19
N ASP A 168 -3.62 7.40 11.07
CA ASP A 168 -4.52 8.54 10.98
C ASP A 168 -5.04 8.71 9.55
N GLY A 169 -4.14 8.65 8.56
CA GLY A 169 -4.52 8.93 7.18
C GLY A 169 -3.60 8.29 6.15
N VAL A 170 -3.61 8.83 4.93
CA VAL A 170 -2.95 8.23 3.77
C VAL A 170 -2.17 9.26 2.95
N LEU A 171 -0.89 9.00 2.71
CA LEU A 171 -0.07 9.79 1.79
C LEU A 171 0.05 9.06 0.46
N GLY A 172 -0.62 9.59 -0.56
CA GLY A 172 -0.57 9.01 -1.90
C GLY A 172 0.75 9.25 -2.60
N MET A 173 1.41 8.18 -3.06
CA MET A 173 2.66 8.26 -3.81
C MET A 173 2.47 7.88 -5.29
N GLY A 174 1.25 8.06 -5.81
CA GLY A 174 0.93 7.74 -7.20
C GLY A 174 1.10 8.93 -8.12
N PHE A 175 0.55 8.80 -9.33
CA PHE A 175 0.70 9.81 -10.37
C PHE A 175 -0.41 10.85 -10.30
N PRO A 176 -0.14 12.09 -10.74
CA PRO A 176 -1.13 13.17 -10.68
C PRO A 176 -2.45 12.93 -11.43
N ALA A 177 -2.42 12.09 -12.46
CA ALA A 177 -3.64 11.62 -13.14
C ALA A 177 -4.58 10.84 -12.22
N GLN A 178 -4.04 10.13 -11.23
CA GLN A 178 -4.85 9.39 -10.24
C GLN A 178 -5.43 10.26 -9.10
N ALA A 179 -5.05 11.54 -9.02
CA ALA A 179 -5.47 12.40 -7.90
C ALA A 179 -6.86 12.98 -8.10
N VAL A 180 -7.62 13.04 -7.00
CA VAL A 180 -8.96 13.60 -7.00
C VAL A 180 -8.85 15.13 -7.00
N ASP A 181 -9.74 15.78 -7.74
CA ASP A 181 -9.76 17.25 -7.92
C ASP A 181 -8.47 17.82 -8.54
N GLY A 182 -7.74 17.02 -9.31
CA GLY A 182 -6.48 17.45 -9.94
C GLY A 182 -5.45 18.09 -9.03
N VAL A 183 -5.33 17.57 -7.81
CA VAL A 183 -4.40 18.10 -6.82
C VAL A 183 -3.00 17.58 -7.14
N ILE A 184 -2.02 18.49 -7.11
CA ILE A 184 -0.62 18.10 -7.36
C ILE A 184 -0.16 17.28 -6.13
N PRO A 185 0.28 16.02 -6.32
CA PRO A 185 0.67 15.21 -5.16
C PRO A 185 1.96 15.65 -4.47
N VAL A 186 2.25 15.02 -3.34
CA VAL A 186 3.40 15.41 -2.50
C VAL A 186 4.74 15.21 -3.23
N PHE A 187 4.93 14.05 -3.84
CA PHE A 187 6.19 13.76 -4.52
C PHE A 187 6.43 14.68 -5.72
N ASP A 188 5.38 14.97 -6.48
CA ASP A 188 5.46 15.95 -7.57
C ASP A 188 5.99 17.32 -7.13
N HIS A 189 5.53 17.80 -5.98
CA HIS A 189 6.05 19.03 -5.39
C HIS A 189 7.52 18.92 -4.97
N ILE A 190 7.91 17.76 -4.45
CA ILE A 190 9.32 17.52 -4.11
C ILE A 190 10.18 17.54 -5.38
N LEU A 191 9.66 16.99 -6.48
CA LEU A 191 10.37 17.02 -7.77
C LEU A 191 10.54 18.44 -8.32
N SER A 192 9.51 19.28 -8.19
CA SER A 192 9.57 20.70 -8.59
C SER A 192 10.68 21.47 -7.89
N GLN A 193 10.95 21.14 -6.64
CA GLN A 193 12.00 21.81 -5.86
C GLN A 193 13.45 21.47 -6.27
N ARG A 194 13.64 20.41 -7.05
CA ARG A 194 14.96 19.98 -7.52
C ARG A 194 15.98 19.85 -6.38
N VAL A 195 15.56 19.18 -5.31
CA VAL A 195 16.41 18.91 -4.14
C VAL A 195 16.97 17.47 -4.16
N LEU A 196 16.26 16.54 -4.80
CA LEU A 196 16.66 15.13 -4.81
C LEU A 196 17.77 14.84 -5.85
N LYS A 197 18.60 13.84 -5.54
CA LYS A 197 19.64 13.41 -6.47
C LYS A 197 19.04 12.72 -7.70
N GLU A 198 18.14 11.76 -7.46
CA GLU A 198 17.36 11.11 -8.52
C GLU A 198 15.88 11.42 -8.31
N GLU A 199 15.10 11.39 -9.37
CA GLU A 199 13.64 11.57 -9.28
C GLU A 199 12.97 10.21 -9.05
N VAL A 200 13.32 9.61 -7.92
CA VAL A 200 12.87 8.26 -7.55
C VAL A 200 12.59 8.21 -6.05
N PHE A 201 11.86 7.19 -5.65
CA PHE A 201 11.81 6.79 -4.23
C PHE A 201 11.77 5.27 -4.14
N SER A 202 12.37 4.74 -3.09
CA SER A 202 12.41 3.29 -2.87
C SER A 202 11.84 2.91 -1.50
N VAL A 203 11.33 1.68 -1.40
CA VAL A 203 10.53 1.23 -0.27
C VAL A 203 11.06 -0.11 0.26
N TYR A 204 11.53 -0.10 1.51
CA TYR A 204 12.06 -1.29 2.20
C TYR A 204 11.18 -1.67 3.39
N TYR A 205 10.76 -2.93 3.43
CA TYR A 205 10.14 -3.53 4.60
C TYR A 205 11.07 -4.64 5.09
N SER A 206 11.44 -4.63 6.37
CA SER A 206 12.25 -5.69 6.95
C SER A 206 11.39 -6.90 7.28
N ARG A 207 12.04 -8.01 7.64
CA ARG A 207 11.36 -9.27 8.00
C ARG A 207 10.17 -9.08 8.94
N GLU A 208 9.11 -9.86 8.75
CA GLU A 208 7.87 -9.70 9.53
C GLU A 208 8.09 -10.05 11.01
N SER A 209 8.39 -9.01 11.79
CA SER A 209 8.70 -9.14 13.21
C SER A 209 7.72 -8.31 14.04
N HIS A 210 7.88 -8.39 15.36
CA HIS A 210 7.03 -7.67 16.30
C HIS A 210 7.43 -6.18 16.37
N LEU A 211 8.75 -5.92 16.38
CA LEU A 211 9.30 -4.58 16.51
C LEU A 211 9.77 -3.96 15.18
N LEU A 212 10.59 -4.71 14.44
CA LEU A 212 11.28 -4.20 13.24
C LEU A 212 10.33 -3.63 12.18
N GLY A 213 10.72 -2.48 11.61
CA GLY A 213 9.84 -1.69 10.74
C GLY A 213 10.21 -1.70 9.26
N GLY A 214 10.77 -0.58 8.80
CA GLY A 214 11.05 -0.39 7.38
C GLY A 214 11.59 1.00 7.08
N GLU A 215 11.50 1.40 5.81
CA GLU A 215 12.12 2.65 5.35
C GLU A 215 11.64 3.03 3.95
N VAL A 216 11.20 4.28 3.79
CA VAL A 216 10.99 4.86 2.46
C VAL A 216 12.07 5.92 2.25
N VAL A 217 12.85 5.78 1.18
CA VAL A 217 13.92 6.72 0.84
C VAL A 217 13.48 7.53 -0.37
N LEU A 218 13.52 8.86 -0.23
CA LEU A 218 13.24 9.79 -1.33
C LEU A 218 14.55 10.24 -1.94
N GLY A 219 14.65 10.14 -3.26
CA GLY A 219 15.84 10.58 -4.00
C GLY A 219 16.87 9.50 -4.32
N GLY A 220 16.59 8.26 -3.96
CA GLY A 220 17.54 7.17 -4.23
C GLY A 220 17.20 5.85 -3.55
N SER A 221 18.24 5.07 -3.28
CA SER A 221 18.11 3.75 -2.65
C SER A 221 19.18 3.54 -1.59
N ASP A 222 18.81 2.90 -0.50
CA ASP A 222 19.73 2.62 0.59
C ASP A 222 20.53 1.37 0.25
N PRO A 223 21.87 1.51 0.00
CA PRO A 223 22.67 0.33 -0.36
C PRO A 223 22.81 -0.73 0.75
N GLN A 224 22.52 -0.34 1.99
CA GLN A 224 22.48 -1.28 3.12
C GLN A 224 21.38 -2.32 2.99
N HIS A 225 20.24 -1.95 2.38
CA HIS A 225 19.06 -2.82 2.33
C HIS A 225 18.83 -3.58 1.02
N TYR A 226 19.89 -3.78 0.23
CA TYR A 226 19.81 -4.71 -0.91
C TYR A 226 21.16 -5.31 -1.27
N GLN A 227 21.08 -6.40 -2.03
CA GLN A 227 22.20 -7.24 -2.38
C GLN A 227 22.13 -7.51 -3.87
N GLY A 228 23.29 -7.50 -4.53
CA GLY A 228 23.33 -7.56 -5.99
C GLY A 228 22.90 -6.25 -6.60
N ASN A 229 22.17 -6.32 -7.71
CA ASN A 229 21.87 -5.15 -8.52
C ASN A 229 20.38 -5.00 -8.83
N PHE A 230 19.96 -3.76 -9.07
CA PHE A 230 18.60 -3.48 -9.53
C PHE A 230 18.42 -3.88 -10.98
N HIS A 231 17.24 -4.39 -11.31
CA HIS A 231 16.83 -4.59 -12.69
C HIS A 231 15.46 -3.96 -12.86
N TYR A 232 15.25 -3.29 -13.99
CA TYR A 232 14.11 -2.40 -14.17
C TYR A 232 13.11 -2.92 -15.19
N VAL A 233 11.84 -2.59 -14.95
CA VAL A 233 10.73 -2.96 -15.83
C VAL A 233 10.00 -1.68 -16.16
N SER A 234 9.73 -1.44 -17.44
CA SER A 234 9.02 -0.23 -17.87
C SER A 234 7.54 -0.28 -17.47
N ILE A 235 6.99 0.90 -17.20
CA ILE A 235 5.56 1.06 -16.94
C ILE A 235 4.81 0.85 -18.26
N SER A 236 3.77 0.03 -18.21
CA SER A 236 2.96 -0.30 -19.40
C SER A 236 1.68 0.53 -19.56
N LYS A 237 1.25 1.20 -18.48
CA LYS A 237 0.09 2.10 -18.50
C LYS A 237 0.48 3.46 -17.89
N ALA A 238 0.45 4.51 -18.70
CA ALA A 238 1.11 5.80 -18.40
C ALA A 238 0.93 6.37 -16.98
N GLY A 239 -0.30 6.34 -16.47
CA GLY A 239 -0.61 7.03 -15.20
C GLY A 239 -0.63 6.21 -13.92
N SER A 240 0.15 5.13 -13.86
CA SER A 240 0.18 4.26 -12.66
C SER A 240 1.40 3.34 -12.64
N TRP A 241 1.70 2.81 -11.45
CA TRP A 241 2.86 1.93 -11.25
C TRP A 241 2.54 0.50 -11.70
N GLN A 242 2.30 0.37 -13.00
CA GLN A 242 1.75 -0.84 -13.60
C GLN A 242 2.73 -1.39 -14.63
N ILE A 243 3.05 -2.68 -14.50
CA ILE A 243 4.02 -3.35 -15.37
C ILE A 243 3.43 -4.63 -15.95
N THR A 244 3.97 -5.07 -17.09
CA THR A 244 3.54 -6.30 -17.74
C THR A 244 4.23 -7.49 -17.07
N MET A 245 3.41 -8.43 -16.57
CA MET A 245 3.86 -9.69 -16.01
C MET A 245 3.70 -10.77 -17.09
N LYS A 246 4.75 -11.56 -17.30
CA LYS A 246 4.76 -12.58 -18.37
C LYS A 246 4.89 -14.02 -17.84
N GLY A 247 4.38 -14.28 -16.63
CA GLY A 247 4.38 -15.62 -16.07
C GLY A 247 4.22 -15.68 -14.56
N VAL A 248 3.24 -16.45 -14.10
CA VAL A 248 3.10 -16.83 -12.68
C VAL A 248 3.29 -18.33 -12.59
N SER A 249 4.13 -18.77 -11.64
CA SER A 249 4.52 -20.18 -11.54
C SER A 249 4.43 -20.70 -10.11
N VAL A 250 3.77 -21.85 -9.94
CA VAL A 250 3.82 -22.62 -8.70
C VAL A 250 4.89 -23.69 -8.92
N GLY A 251 5.91 -23.70 -8.06
CA GLY A 251 7.03 -24.63 -8.20
C GLY A 251 7.73 -24.50 -9.55
N PRO A 252 8.10 -25.63 -10.18
CA PRO A 252 8.65 -25.57 -11.55
C PRO A 252 7.66 -25.22 -12.67
N ALA A 253 6.35 -25.37 -12.45
CA ALA A 253 5.35 -25.22 -13.53
C ALA A 253 4.80 -23.80 -13.67
N THR A 254 4.82 -23.26 -14.89
CA THR A 254 4.28 -21.93 -15.21
C THR A 254 2.82 -22.05 -15.65
N LEU A 255 1.91 -21.58 -14.79
CA LEU A 255 0.47 -21.84 -14.93
C LEU A 255 -0.30 -20.70 -15.58
N LEU A 256 -0.09 -19.46 -15.13
CA LEU A 256 -0.82 -18.29 -15.64
C LEU A 256 0.09 -17.27 -16.31
N CYS A 257 -0.54 -16.34 -17.03
CA CYS A 257 0.10 -15.11 -17.55
C CYS A 257 1.19 -15.30 -18.60
N GLU A 258 1.07 -16.33 -19.43
CA GLU A 258 1.99 -16.52 -20.55
C GLU A 258 1.72 -15.52 -21.68
N GLU A 259 0.45 -15.22 -21.91
CA GLU A 259 0.03 -14.23 -22.92
C GLU A 259 0.17 -12.77 -22.46
N GLY A 260 0.32 -12.55 -21.14
CA GLY A 260 0.65 -11.23 -20.59
C GLY A 260 -0.42 -10.65 -19.69
N CYS A 261 -0.09 -10.51 -18.39
CA CYS A 261 -0.98 -9.90 -17.40
C CYS A 261 -0.46 -8.53 -16.97
N MET A 262 -1.38 -7.59 -16.72
CA MET A 262 -1.04 -6.31 -16.10
C MET A 262 -0.86 -6.53 -14.59
N ALA A 263 0.12 -5.88 -13.99
CA ALA A 263 0.42 -6.03 -12.56
C ALA A 263 0.82 -4.70 -11.93
N VAL A 264 0.11 -4.30 -10.87
CA VAL A 264 0.39 -3.07 -10.12
C VAL A 264 1.27 -3.36 -8.90
N VAL A 265 2.30 -2.55 -8.69
CA VAL A 265 3.13 -2.65 -7.49
C VAL A 265 2.60 -1.61 -6.51
N ASP A 266 2.04 -2.06 -5.40
CA ASP A 266 1.25 -1.22 -4.49
C ASP A 266 1.74 -1.35 -3.05
N THR A 267 2.32 -0.28 -2.52
CA THR A 267 2.75 -0.25 -1.12
C THR A 267 1.60 -0.16 -0.11
N GLY A 268 0.39 0.18 -0.58
CA GLY A 268 -0.79 0.33 0.29
C GLY A 268 -1.31 -0.97 0.89
N THR A 269 -1.53 -1.97 0.03
CA THR A 269 -1.98 -3.30 0.46
C THR A 269 -0.78 -4.20 0.70
N SER A 270 -0.85 -5.09 1.70
CA SER A 270 0.25 -6.03 1.98
C SER A 270 0.11 -7.39 1.28
N TYR A 271 -1.12 -7.80 1.01
CA TYR A 271 -1.38 -9.09 0.36
C TYR A 271 -1.32 -8.94 -1.15
N ILE A 272 -0.73 -9.94 -1.81
CA ILE A 272 -0.72 -10.02 -3.27
C ILE A 272 -2.13 -10.35 -3.76
N SER A 273 -2.56 -9.71 -4.83
CA SER A 273 -3.89 -9.94 -5.39
C SER A 273 -3.78 -10.47 -6.79
N GLY A 274 -4.73 -11.31 -7.18
CA GLY A 274 -4.92 -11.72 -8.56
C GLY A 274 -6.41 -11.92 -8.81
N PRO A 275 -6.80 -12.18 -10.08
CA PRO A 275 -8.19 -12.55 -10.34
C PRO A 275 -8.60 -13.83 -9.60
N THR A 276 -9.84 -13.88 -9.12
CA THR A 276 -10.34 -14.99 -8.28
C THR A 276 -10.19 -16.36 -8.96
N SER A 277 -10.46 -16.42 -10.26
CA SER A 277 -10.33 -17.66 -11.05
C SER A 277 -8.86 -18.08 -11.17
N SER A 278 -8.01 -17.13 -11.58
CA SER A 278 -6.56 -17.37 -11.69
C SER A 278 -5.92 -17.77 -10.36
N LEU A 279 -6.37 -17.18 -9.26
CA LEU A 279 -5.84 -17.48 -7.94
C LEU A 279 -6.33 -18.82 -7.39
N GLN A 280 -7.59 -19.17 -7.67
CA GLN A 280 -8.14 -20.47 -7.27
C GLN A 280 -7.39 -21.63 -7.93
N LEU A 281 -7.01 -21.42 -9.19
CA LEU A 281 -6.14 -22.35 -9.94
C LEU A 281 -4.77 -22.53 -9.28
N ILE A 282 -4.21 -21.42 -8.80
CA ILE A 282 -2.93 -21.45 -8.06
C ILE A 282 -3.07 -22.19 -6.73
N MET A 283 -4.15 -21.92 -6.00
CA MET A 283 -4.39 -22.55 -4.70
C MET A 283 -4.64 -24.06 -4.80
N GLN A 284 -5.19 -24.50 -5.93
CA GLN A 284 -5.34 -25.94 -6.22
C GLN A 284 -3.96 -26.59 -6.38
N ALA A 285 -3.13 -26.02 -7.25
CA ALA A 285 -1.77 -26.52 -7.52
C ALA A 285 -0.81 -26.33 -6.34
N LEU A 286 -1.11 -25.40 -5.44
CA LEU A 286 -0.31 -25.16 -4.23
C LEU A 286 -0.49 -26.29 -3.21
N GLY A 287 -1.67 -26.93 -3.23
CA GLY A 287 -2.05 -27.94 -2.23
C GLY A 287 -2.79 -27.32 -1.07
N VAL A 288 -3.72 -26.41 -1.37
CA VAL A 288 -4.46 -25.64 -0.38
C VAL A 288 -5.97 -25.73 -0.66
N LYS A 289 -6.69 -26.30 0.30
CA LYS A 289 -8.12 -26.58 0.18
C LYS A 289 -8.98 -25.42 0.69
N GLU A 290 -8.69 -24.96 1.92
CA GLU A 290 -9.62 -24.12 2.70
C GLU A 290 -9.66 -22.64 2.30
N LYS A 291 -10.87 -22.16 1.99
CA LYS A 291 -11.12 -20.79 1.54
C LYS A 291 -12.12 -20.08 2.47
N ARG A 292 -11.77 -18.86 2.91
CA ARG A 292 -12.68 -17.96 3.64
C ARG A 292 -12.87 -16.66 2.87
N ALA A 293 -13.96 -16.58 2.09
CA ALA A 293 -14.26 -15.43 1.21
C ALA A 293 -13.13 -15.23 0.16
N ASN A 294 -12.47 -14.05 0.14
CA ASN A 294 -11.29 -13.84 -0.72
C ASN A 294 -10.07 -14.64 -0.26
N ASN A 295 -9.96 -14.85 1.05
CA ASN A 295 -8.71 -15.33 1.66
C ASN A 295 -8.63 -16.86 1.69
N TYR A 296 -7.45 -17.37 2.00
CA TYR A 296 -7.17 -18.80 2.04
C TYR A 296 -6.34 -19.14 3.28
N VAL A 297 -6.92 -19.93 4.19
CA VAL A 297 -6.23 -20.37 5.40
C VAL A 297 -5.66 -21.79 5.21
N VAL A 298 -4.64 -22.10 5.99
CA VAL A 298 -3.91 -23.38 5.90
C VAL A 298 -3.46 -23.80 7.30
N ASN A 299 -3.44 -25.11 7.55
CA ASN A 299 -2.96 -25.66 8.82
C ASN A 299 -1.46 -25.40 8.92
N CYS A 300 -1.01 -24.86 10.06
CA CYS A 300 0.40 -24.47 10.24
C CYS A 300 1.40 -25.63 10.18
N SER A 301 0.92 -26.86 10.36
CA SER A 301 1.73 -28.07 10.18
C SER A 301 2.20 -28.28 8.74
N GLN A 302 1.32 -28.02 7.77
CA GLN A 302 1.63 -28.21 6.34
C GLN A 302 2.26 -26.99 5.64
N VAL A 303 2.78 -26.03 6.40
CA VAL A 303 3.41 -24.82 5.84
C VAL A 303 4.77 -25.12 5.18
N PRO A 304 5.70 -25.80 5.89
CA PRO A 304 7.03 -26.08 5.29
C PRO A 304 7.03 -26.90 3.99
N THR A 305 5.98 -27.68 3.74
CA THR A 305 5.86 -28.49 2.52
C THR A 305 5.31 -27.73 1.29
N LEU A 306 4.90 -26.47 1.47
CA LEU A 306 4.33 -25.67 0.37
C LEU A 306 5.39 -25.30 -0.68
N PRO A 307 5.06 -25.45 -1.98
CA PRO A 307 6.03 -25.08 -3.01
C PRO A 307 6.18 -23.56 -3.19
N ASP A 308 7.27 -23.15 -3.81
CA ASP A 308 7.55 -21.74 -4.05
C ASP A 308 6.68 -21.17 -5.16
N ILE A 309 6.24 -19.92 -4.99
CA ILE A 309 5.52 -19.17 -6.03
C ILE A 309 6.53 -18.23 -6.68
N SER A 310 6.41 -18.04 -7.99
CA SER A 310 7.29 -17.15 -8.73
C SER A 310 6.52 -16.28 -9.72
N PHE A 311 7.02 -15.07 -9.93
CA PHE A 311 6.44 -14.10 -10.88
C PHE A 311 7.53 -13.70 -11.88
N TYR A 312 7.17 -13.67 -13.16
CA TYR A 312 8.11 -13.39 -14.25
C TYR A 312 7.95 -11.95 -14.74
N LEU A 313 8.91 -11.10 -14.41
CA LEU A 313 8.79 -9.65 -14.58
C LEU A 313 10.02 -9.10 -15.30
N GLY A 314 9.80 -8.50 -16.47
CA GLY A 314 10.89 -7.95 -17.29
C GLY A 314 11.95 -8.98 -17.68
N GLY A 315 11.52 -10.20 -17.97
CA GLY A 315 12.43 -11.28 -18.35
C GLY A 315 13.28 -11.88 -17.25
N ARG A 316 12.85 -11.75 -16.00
CA ARG A 316 13.52 -12.40 -14.86
C ARG A 316 12.47 -12.96 -13.89
N THR A 317 12.81 -14.02 -13.16
CA THR A 317 11.90 -14.61 -12.18
C THR A 317 12.13 -14.04 -10.78
N TYR A 318 11.03 -13.76 -10.09
CA TYR A 318 11.04 -13.27 -8.74
C TYR A 318 10.27 -14.28 -7.89
N THR A 319 11.01 -15.02 -7.05
CA THR A 319 10.48 -16.16 -6.30
C THR A 319 10.14 -15.82 -4.86
N LEU A 320 8.94 -16.22 -4.43
CA LEU A 320 8.51 -16.15 -3.03
C LEU A 320 8.40 -17.56 -2.47
N SER A 321 9.18 -17.86 -1.42
CA SER A 321 9.13 -19.16 -0.75
C SER A 321 8.01 -19.20 0.27
N ASN A 322 7.71 -20.39 0.78
CA ASN A 322 6.62 -20.61 1.76
C ASN A 322 6.60 -19.59 2.92
N MET A 323 7.77 -19.27 3.46
CA MET A 323 7.88 -18.30 4.57
C MET A 323 7.62 -16.84 4.17
N ASP A 324 7.79 -16.52 2.89
CA ASP A 324 7.57 -15.16 2.39
C ASP A 324 6.09 -14.79 2.22
N TYR A 325 5.24 -15.74 1.82
CA TYR A 325 3.81 -15.44 1.55
C TYR A 325 2.82 -16.02 2.57
N VAL A 326 3.30 -16.42 3.75
CA VAL A 326 2.41 -16.89 4.83
C VAL A 326 2.63 -16.08 6.11
N GLN A 327 1.53 -15.71 6.78
CA GLN A 327 1.57 -14.93 8.02
C GLN A 327 1.06 -15.78 9.19
N LYS A 328 1.94 -16.08 10.14
CA LYS A 328 1.56 -16.79 11.37
C LYS A 328 1.14 -15.77 12.42
N ASN A 329 -0.12 -15.83 12.84
CA ASN A 329 -0.67 -14.97 13.88
C ASN A 329 -1.29 -15.84 14.99
N PRO A 330 -1.00 -15.54 16.27
CA PRO A 330 -1.70 -16.22 17.38
C PRO A 330 -3.23 -16.00 17.40
N PHE A 331 -3.96 -17.05 17.78
CA PHE A 331 -5.44 -17.04 17.75
C PHE A 331 -5.99 -18.14 18.66
N CYS A 337 -2.58 -19.85 10.59
CA CYS A 337 -1.73 -19.42 9.49
C CYS A 337 -2.56 -19.10 8.25
N ILE A 338 -2.39 -17.88 7.73
CA ILE A 338 -3.16 -17.37 6.57
C ILE A 338 -2.20 -16.99 5.44
N LEU A 339 -2.56 -17.39 4.22
CA LEU A 339 -1.76 -17.07 3.02
C LEU A 339 -1.98 -15.62 2.62
N ALA A 340 -0.88 -14.94 2.28
CA ALA A 340 -0.90 -13.53 1.91
C ALA A 340 -1.29 -13.31 0.43
N LEU A 341 -2.27 -14.07 -0.05
CA LEU A 341 -2.81 -13.95 -1.39
C LEU A 341 -4.32 -13.89 -1.28
N GLN A 342 -4.97 -13.20 -2.21
CA GLN A 342 -6.42 -13.01 -2.17
C GLN A 342 -7.02 -12.63 -3.52
N GLY A 343 -8.30 -12.97 -3.71
CA GLY A 343 -8.99 -12.72 -4.96
C GLY A 343 -9.44 -11.28 -5.08
N LEU A 344 -9.37 -10.74 -6.29
CA LEU A 344 -9.73 -9.35 -6.56
C LEU A 344 -9.92 -9.13 -8.07
N ASP A 345 -11.15 -8.83 -8.48
CA ASP A 345 -11.49 -8.70 -9.90
C ASP A 345 -11.81 -7.24 -10.26
N ILE A 346 -10.84 -6.56 -10.84
CA ILE A 346 -11.05 -5.23 -11.43
C ILE A 346 -11.55 -5.44 -12.85
N PRO A 347 -12.69 -4.83 -13.22
CA PRO A 347 -13.24 -5.01 -14.57
C PRO A 347 -12.51 -4.16 -15.63
N PRO A 348 -12.67 -4.49 -16.94
CA PRO A 348 -12.17 -3.60 -18.01
C PRO A 348 -12.96 -2.29 -18.05
N PRO A 349 -12.37 -1.19 -18.58
CA PRO A 349 -11.12 -1.04 -19.36
C PRO A 349 -9.80 -1.16 -18.58
N THR A 350 -9.79 -0.79 -17.30
CA THR A 350 -8.62 -0.99 -16.42
C THR A 350 -8.06 -2.40 -16.52
N GLY A 351 -8.96 -3.37 -16.52
CA GLY A 351 -8.69 -4.73 -16.96
C GLY A 351 -8.40 -5.65 -15.80
N PRO A 352 -8.27 -6.97 -16.07
CA PRO A 352 -7.81 -7.87 -15.02
C PRO A 352 -6.38 -7.51 -14.61
N VAL A 353 -6.19 -7.20 -13.32
CA VAL A 353 -4.89 -6.80 -12.80
C VAL A 353 -4.49 -7.67 -11.62
N TRP A 354 -3.19 -7.90 -11.52
CA TRP A 354 -2.59 -8.41 -10.31
C TRP A 354 -2.12 -7.21 -9.51
N VAL A 355 -1.86 -7.43 -8.22
CA VAL A 355 -1.31 -6.41 -7.35
C VAL A 355 -0.20 -7.05 -6.53
N LEU A 356 1.05 -6.69 -6.83
CA LEU A 356 2.18 -7.08 -5.99
C LEU A 356 2.21 -6.11 -4.82
N GLY A 357 1.67 -6.55 -3.69
CA GLY A 357 1.62 -5.75 -2.46
C GLY A 357 2.92 -5.76 -1.68
N ALA A 358 2.86 -5.26 -0.45
CA ALA A 358 4.02 -5.20 0.44
C ALA A 358 4.69 -6.55 0.75
N THR A 359 3.95 -7.65 0.62
CA THR A 359 4.52 -8.99 0.77
C THR A 359 5.60 -9.24 -0.29
N PHE A 360 5.32 -8.84 -1.53
CA PHE A 360 6.30 -8.93 -2.63
C PHE A 360 7.50 -8.00 -2.36
N ILE A 361 7.20 -6.77 -1.95
CA ILE A 361 8.23 -5.74 -1.75
C ILE A 361 9.16 -6.04 -0.55
N ARG A 362 8.67 -6.78 0.44
CA ARG A 362 9.50 -7.19 1.59
C ARG A 362 10.66 -8.08 1.16
N LYS A 363 10.38 -9.00 0.22
CA LYS A 363 11.42 -9.84 -0.39
C LYS A 363 12.31 -9.03 -1.32
N PHE A 364 11.68 -8.24 -2.20
CA PHE A 364 12.37 -7.48 -3.24
C PHE A 364 12.30 -5.96 -3.05
N TYR A 365 13.40 -5.37 -2.59
CA TYR A 365 13.53 -3.92 -2.40
C TYR A 365 13.17 -3.23 -3.71
N THR A 366 12.16 -2.36 -3.67
CA THR A 366 11.59 -1.78 -4.89
C THR A 366 11.88 -0.29 -5.04
N GLU A 367 12.37 0.12 -6.21
CA GLU A 367 12.59 1.52 -6.56
C GLU A 367 11.53 1.96 -7.56
N PHE A 368 10.80 3.03 -7.24
CA PHE A 368 9.80 3.63 -8.12
C PHE A 368 10.45 4.85 -8.79
N ASP A 369 10.55 4.82 -10.13
CA ASP A 369 11.33 5.81 -10.90
C ASP A 369 10.40 6.69 -11.74
N ARG A 370 10.28 7.96 -11.38
CA ARG A 370 9.36 8.90 -12.06
C ARG A 370 9.92 9.54 -13.32
N HIS A 371 11.24 9.74 -13.38
CA HIS A 371 11.89 10.32 -14.56
C HIS A 371 11.82 9.39 -15.76
N ASN A 372 12.22 8.14 -15.55
CA ASN A 372 12.25 7.11 -16.59
C ASN A 372 10.94 6.32 -16.74
N ASN A 373 9.98 6.52 -15.82
CA ASN A 373 8.70 5.77 -15.79
C ASN A 373 8.92 4.26 -15.79
N ARG A 374 9.56 3.78 -14.74
CA ARG A 374 9.92 2.37 -14.60
C ARG A 374 10.00 1.99 -13.13
N ILE A 375 10.02 0.68 -12.88
CA ILE A 375 10.11 0.16 -11.51
C ILE A 375 11.28 -0.80 -11.44
N GLY A 376 12.12 -0.63 -10.42
CA GLY A 376 13.31 -1.45 -10.22
C GLY A 376 13.14 -2.40 -9.05
N PHE A 377 13.69 -3.60 -9.16
CA PHE A 377 13.63 -4.63 -8.11
C PHE A 377 15.02 -5.15 -7.79
N ALA A 378 15.25 -5.43 -6.51
CA ALA A 378 16.51 -5.99 -6.05
C ALA A 378 16.27 -6.82 -4.79
N LEU A 379 17.07 -7.86 -4.57
CA LEU A 379 16.89 -8.74 -3.41
C LEU A 379 17.17 -7.98 -2.11
N ALA A 380 16.14 -7.82 -1.29
CA ALA A 380 16.25 -7.06 -0.03
C ALA A 380 17.08 -7.80 1.01
N ARG A 381 17.70 -7.03 1.91
CA ARG A 381 18.43 -7.59 3.04
C ARG A 381 18.48 -6.62 4.23
N ALA A 382 19.01 -7.09 5.36
CA ALA A 382 19.21 -6.27 6.55
C ALA A 382 20.64 -5.73 6.60
N ALA A 383 20.93 -4.91 7.62
CA ALA A 383 22.26 -4.35 7.85
C ALA A 383 22.94 -5.03 9.03
C1 NAG B . -8.68 24.64 -4.56
C2 NAG B . -8.56 25.95 -5.34
C3 NAG B . -8.51 25.71 -6.86
C4 NAG B . -7.51 24.62 -7.22
C5 NAG B . -7.83 23.36 -6.41
C6 NAG B . -6.87 22.22 -6.71
C7 NAG B . -9.64 27.82 -4.15
C8 NAG B . -10.93 28.57 -3.97
N2 NAG B . -9.69 26.81 -5.02
O3 NAG B . -8.14 26.91 -7.52
O4 NAG B . -7.57 24.36 -8.63
O5 NAG B . -7.75 23.67 -5.02
O6 NAG B . -7.54 20.97 -6.55
O7 NAG B . -8.64 28.15 -3.53
#